data_7TP5
#
_entry.id   7TP5
#
_cell.length_a   40.730
_cell.length_b   51.500
_cell.length_c   79.280
_cell.angle_alpha   90.000
_cell.angle_beta   92.300
_cell.angle_gamma   90.000
#
_symmetry.space_group_name_H-M   'P 1 21 1'
#
loop_
_entity.id
_entity.type
_entity.pdbx_description
1 polymer 'Cytochrome P450'
2 non-polymer 'PROTOPORPHYRIN IX CONTAINING FE'
3 non-polymer '4-(ethylsulfanyl)benzoic acid'
4 non-polymer 'CHLORIDE ION'
5 non-polymer 'MAGNESIUM ION'
6 non-polymer 'ACETATE ION'
7 water water
#
_entity_poly.entity_id   1
_entity_poly.type   'polypeptide(L)'
_entity_poly.pdbx_seq_one_letter_code
;MISNSSAESISAPPNDSTIPHLAIDPFSLDFFDDPYPDQQTLRDAGPVVYLDKWNVYGVARYAEVHAVLNDPTTFCSSRG
VGLSDFKKEKPWRPPSLILEADPPAHTRPRAVLSKVLSPATMKTIRDGFAAAADAKVDELLQRGCIDAIADLAEAYPLSV
FPDAMGLKQEGREHLLPYAGLVFNAFGPPNELRQTAIERSAPHQAYVNEQCQRPNLAPGGFGACIHAFTDTGEITPDEAP
LLVRSLLSAGLDETVNGIGAAVYCLARFPGELQRLRSDPTLARNAFEEAVRFESPVQTFFRTTTREVELGGAVIGEGEKV
LMFLGSANRDPRRWSDPDLYDITRKTSGHVGFGSGVHMCVGQLVARLEGEVMLSALARKVAAIDIDGPVKRRFNNTLRGL
ESLPVKLTPA
;
_entity_poly.pdbx_strand_id   A
#
# COMPACT_ATOMS: atom_id res chain seq x y z
N THR A 18 -29.24 10.51 -13.16
CA THR A 18 -28.69 11.46 -12.21
C THR A 18 -27.20 11.22 -11.96
N ILE A 19 -26.79 9.96 -12.08
CA ILE A 19 -25.39 9.57 -11.89
C ILE A 19 -24.76 9.41 -13.26
N PRO A 20 -23.61 10.02 -13.53
CA PRO A 20 -22.98 9.87 -14.85
C PRO A 20 -22.42 8.46 -15.04
N HIS A 21 -22.67 7.89 -16.22
CA HIS A 21 -22.10 6.63 -16.62
C HIS A 21 -20.87 6.90 -17.47
N LEU A 22 -19.76 6.24 -17.14
CA LEU A 22 -18.50 6.44 -17.86
C LEU A 22 -17.95 5.10 -18.30
N ALA A 23 -17.24 5.11 -19.42
CA ALA A 23 -16.65 3.90 -19.99
C ALA A 23 -15.18 3.76 -19.64
N ILE A 24 -14.65 4.63 -18.78
CA ILE A 24 -13.27 4.51 -18.34
C ILE A 24 -13.06 3.16 -17.66
N ASP A 25 -12.00 2.46 -18.05
CA ASP A 25 -11.61 1.21 -17.41
C ASP A 25 -10.43 1.47 -16.48
N PRO A 26 -10.65 1.58 -15.17
CA PRO A 26 -9.53 1.85 -14.24
C PRO A 26 -8.60 0.67 -14.04
N PHE A 27 -8.84 -0.45 -14.71
CA PHE A 27 -7.97 -1.62 -14.62
C PHE A 27 -7.37 -1.96 -15.98
N SER A 28 -7.33 -0.99 -16.89
CA SER A 28 -6.69 -1.15 -18.18
C SER A 28 -5.26 -0.65 -18.13
N LEU A 29 -4.42 -1.22 -19.00
CA LEU A 29 -3.03 -0.77 -19.07
C LEU A 29 -2.94 0.71 -19.46
N ASP A 30 -3.86 1.17 -20.31
CA ASP A 30 -3.90 2.59 -20.66
C ASP A 30 -4.08 3.45 -19.41
N PHE A 31 -4.96 3.02 -18.50
CA PHE A 31 -5.15 3.76 -17.26
C PHE A 31 -3.89 3.72 -16.39
N PHE A 32 -3.32 2.53 -16.20
CA PHE A 32 -2.11 2.40 -15.39
C PHE A 32 -0.98 3.28 -15.93
N ASP A 33 -0.89 3.43 -17.24
CA ASP A 33 0.23 4.16 -17.83
C ASP A 33 0.17 5.65 -17.49
N ASP A 34 -1.03 6.22 -17.42
CA ASP A 34 -1.20 7.61 -17.00
C ASP A 34 -2.63 7.83 -16.52
N PRO A 35 -2.89 7.65 -15.23
CA PRO A 35 -4.26 7.73 -14.73
C PRO A 35 -4.73 9.13 -14.40
N TYR A 36 -3.86 10.12 -14.39
CA TYR A 36 -4.21 11.40 -13.82
C TYR A 36 -5.22 12.17 -14.66
N PRO A 37 -5.12 12.23 -15.99
CA PRO A 37 -6.21 12.84 -16.77
C PRO A 37 -7.54 12.16 -16.53
N ASP A 38 -7.57 10.83 -16.55
CA ASP A 38 -8.82 10.11 -16.30
C ASP A 38 -9.33 10.34 -14.88
N GLN A 39 -8.42 10.50 -13.90
CA GLN A 39 -8.85 10.77 -12.53
C GLN A 39 -9.55 12.12 -12.42
N GLN A 40 -9.04 13.14 -13.13
CA GLN A 40 -9.76 14.41 -13.14
C GLN A 40 -11.14 14.23 -13.77
N THR A 41 -11.23 13.49 -14.88
CA THR A 41 -12.52 13.24 -15.51
C THR A 41 -13.48 12.58 -14.54
N LEU A 42 -12.98 11.61 -13.76
CA LEU A 42 -13.83 10.94 -12.76
C LEU A 42 -14.24 11.90 -11.65
N ARG A 43 -13.30 12.76 -11.21
CA ARG A 43 -13.63 13.74 -10.18
C ARG A 43 -14.66 14.73 -10.68
N ASP A 44 -14.45 15.26 -11.88
CA ASP A 44 -15.27 16.35 -12.38
C ASP A 44 -16.59 15.87 -12.97
N ALA A 45 -16.74 14.56 -13.23
CA ALA A 45 -18.01 14.05 -13.72
C ALA A 45 -19.11 14.17 -12.67
N GLY A 46 -18.74 14.10 -11.39
CA GLY A 46 -19.68 14.20 -10.30
C GLY A 46 -19.14 13.54 -9.04
N PRO A 47 -19.84 13.72 -7.93
CA PRO A 47 -19.38 13.08 -6.68
C PRO A 47 -19.46 11.57 -6.73
N VAL A 48 -20.44 11.01 -7.44
CA VAL A 48 -20.58 9.57 -7.63
C VAL A 48 -20.75 9.31 -9.11
N VAL A 49 -19.98 8.34 -9.63
CA VAL A 49 -20.06 7.93 -11.02
C VAL A 49 -20.38 6.44 -11.07
N TYR A 50 -20.86 6.00 -12.23
CA TYR A 50 -21.09 4.58 -12.49
C TYR A 50 -20.18 4.15 -13.62
N LEU A 51 -19.38 3.11 -13.37
CA LEU A 51 -18.44 2.58 -14.36
C LEU A 51 -19.08 1.40 -15.08
N ASP A 52 -19.62 1.67 -16.28
CA ASP A 52 -20.33 0.64 -17.05
C ASP A 52 -19.43 -0.55 -17.39
N LYS A 53 -18.12 -0.33 -17.47
CA LYS A 53 -17.24 -1.43 -17.88
C LYS A 53 -17.29 -2.58 -16.89
N TRP A 54 -17.48 -2.28 -15.61
CA TRP A 54 -17.48 -3.30 -14.56
C TRP A 54 -18.73 -3.29 -13.70
N ASN A 55 -19.71 -2.44 -14.00
CA ASN A 55 -20.96 -2.37 -13.23
C ASN A 55 -20.70 -2.09 -11.75
N VAL A 56 -19.91 -1.05 -11.47
CA VAL A 56 -19.66 -0.62 -10.11
C VAL A 56 -19.81 0.89 -10.05
N TYR A 57 -20.12 1.38 -8.86
CA TYR A 57 -20.03 2.81 -8.61
C TYR A 57 -18.59 3.20 -8.33
N GLY A 58 -18.29 4.48 -8.55
CA GLY A 58 -16.98 5.01 -8.23
C GLY A 58 -17.02 6.37 -7.58
N VAL A 59 -16.11 6.62 -6.64
CA VAL A 59 -15.95 7.92 -6.02
C VAL A 59 -14.48 8.32 -6.13
N ALA A 60 -14.22 9.53 -6.65
CA ALA A 60 -12.87 9.98 -6.91
C ALA A 60 -12.47 11.26 -6.20
N ARG A 61 -13.41 12.00 -5.63
CA ARG A 61 -13.07 13.22 -4.90
C ARG A 61 -12.71 12.88 -3.46
N TYR A 62 -11.94 13.77 -2.84
CA TYR A 62 -11.50 13.52 -1.47
C TYR A 62 -12.70 13.36 -0.54
N ALA A 63 -13.68 14.27 -0.61
CA ALA A 63 -14.78 14.28 0.35
C ALA A 63 -15.50 12.93 0.38
N GLU A 64 -15.88 12.40 -0.78
CA GLU A 64 -16.66 11.17 -0.81
C GLU A 64 -15.80 9.95 -0.46
N VAL A 65 -14.56 9.90 -0.93
CA VAL A 65 -13.67 8.81 -0.53
C VAL A 65 -13.52 8.77 0.98
N HIS A 66 -13.27 9.93 1.58
CA HIS A 66 -13.15 10.00 3.04
C HIS A 66 -14.45 9.63 3.73
N ALA A 67 -15.58 10.07 3.18
CA ALA A 67 -16.88 9.74 3.77
C ALA A 67 -17.13 8.24 3.74
N VAL A 68 -16.87 7.60 2.58
CA VAL A 68 -17.12 6.17 2.45
C VAL A 68 -16.27 5.38 3.43
N LEU A 69 -14.98 5.70 3.49
CA LEU A 69 -14.06 4.99 4.38
C LEU A 69 -14.49 5.08 5.83
N ASN A 70 -15.12 6.20 6.22
CA ASN A 70 -15.50 6.41 7.61
C ASN A 70 -16.95 6.08 7.87
N ASP A 71 -17.59 5.32 7.00
CA ASP A 71 -18.97 4.85 7.17
C ASP A 71 -18.98 3.35 6.97
N PRO A 72 -18.39 2.58 7.90
CA PRO A 72 -18.22 1.13 7.67
C PRO A 72 -19.50 0.32 7.78
N THR A 73 -20.52 0.81 8.49
CA THR A 73 -21.75 0.03 8.56
C THR A 73 -22.55 0.10 7.27
N THR A 74 -22.43 1.19 6.53
CA THR A 74 -23.09 1.32 5.24
C THR A 74 -22.24 0.75 4.11
N PHE A 75 -20.94 1.06 4.11
CA PHE A 75 -20.01 0.58 3.09
C PHE A 75 -19.09 -0.43 3.78
N CYS A 76 -19.49 -1.69 3.74
CA CYS A 76 -18.83 -2.73 4.53
C CYS A 76 -17.65 -3.31 3.77
N SER A 77 -16.83 -4.07 4.51
CA SER A 77 -15.69 -4.77 3.96
C SER A 77 -15.84 -6.29 4.00
N SER A 78 -16.84 -6.81 4.70
CA SER A 78 -16.95 -8.25 4.86
C SER A 78 -17.43 -8.96 3.60
N ARG A 79 -17.85 -8.22 2.58
CA ARG A 79 -18.16 -8.82 1.29
C ARG A 79 -17.00 -8.68 0.31
N GLY A 80 -15.80 -8.42 0.84
CA GLY A 80 -14.61 -8.29 0.02
C GLY A 80 -14.30 -6.85 -0.32
N VAL A 81 -13.01 -6.49 -0.35
CA VAL A 81 -12.61 -5.16 -0.80
C VAL A 81 -12.04 -5.18 -2.22
N GLY A 82 -12.13 -6.33 -2.91
CA GLY A 82 -11.94 -6.37 -4.34
C GLY A 82 -13.27 -6.26 -5.08
N LEU A 83 -13.20 -6.39 -6.40
CA LEU A 83 -14.42 -6.34 -7.21
C LEU A 83 -15.38 -7.46 -6.84
N SER A 84 -14.83 -8.65 -6.57
CA SER A 84 -15.68 -9.81 -6.29
C SER A 84 -16.46 -9.62 -5.00
N ASP A 85 -17.73 -10.05 -5.03
CA ASP A 85 -18.64 -9.96 -3.90
C ASP A 85 -18.69 -11.33 -3.23
N PHE A 86 -18.27 -11.40 -1.96
CA PHE A 86 -18.21 -12.69 -1.29
C PHE A 86 -19.60 -13.30 -1.10
N LYS A 87 -20.66 -12.48 -1.15
CA LYS A 87 -22.02 -12.99 -1.12
C LYS A 87 -22.36 -13.77 -2.40
N LYS A 88 -21.67 -13.46 -3.50
CA LYS A 88 -22.00 -14.01 -4.80
C LYS A 88 -20.99 -15.01 -5.31
N GLU A 89 -19.71 -14.79 -5.03
CA GLU A 89 -18.64 -15.64 -5.52
C GLU A 89 -17.79 -16.11 -4.35
N LYS A 90 -17.09 -17.19 -4.59
CA LYS A 90 -16.23 -17.68 -3.53
C LYS A 90 -14.91 -16.90 -3.58
N PRO A 91 -14.36 -16.54 -2.41
CA PRO A 91 -13.06 -15.87 -2.39
C PRO A 91 -11.98 -16.81 -2.91
N TRP A 92 -10.99 -16.24 -3.59
CA TRP A 92 -9.89 -17.05 -4.11
C TRP A 92 -9.06 -17.67 -3.00
N ARG A 93 -9.04 -17.06 -1.81
CA ARG A 93 -8.39 -17.58 -0.63
C ARG A 93 -9.31 -17.29 0.55
N PRO A 94 -9.15 -17.98 1.67
CA PRO A 94 -9.96 -17.67 2.86
C PRO A 94 -9.87 -16.19 3.17
N PRO A 95 -10.99 -15.55 3.51
CA PRO A 95 -10.97 -14.09 3.72
C PRO A 95 -10.05 -13.67 4.85
N SER A 96 -9.39 -12.53 4.65
CA SER A 96 -8.55 -11.96 5.69
C SER A 96 -9.38 -11.71 6.94
N LEU A 97 -8.81 -12.06 8.11
CA LEU A 97 -9.53 -11.90 9.36
C LEU A 97 -9.69 -10.44 9.76
N ILE A 98 -8.92 -9.53 9.17
CA ILE A 98 -8.95 -8.12 9.52
C ILE A 98 -9.42 -7.25 8.36
N LEU A 99 -8.81 -7.41 7.18
CA LEU A 99 -9.15 -6.54 6.06
C LEU A 99 -10.58 -6.79 5.58
N GLU A 100 -11.01 -8.03 5.56
CA GLU A 100 -12.30 -8.42 5.00
C GLU A 100 -13.28 -8.81 6.10
N ALA A 101 -13.19 -8.08 7.22
CA ALA A 101 -14.09 -8.22 8.35
C ALA A 101 -14.62 -6.85 8.75
N ASP A 102 -15.84 -6.82 9.26
CA ASP A 102 -16.40 -5.61 9.84
C ASP A 102 -16.39 -5.69 11.35
N PRO A 103 -16.52 -4.57 12.05
CA PRO A 103 -16.80 -4.63 13.49
C PRO A 103 -18.12 -5.35 13.71
N PRO A 104 -18.22 -6.19 14.75
CA PRO A 104 -17.20 -6.43 15.78
C PRO A 104 -16.16 -7.51 15.47
N ALA A 105 -16.39 -8.36 14.45
CA ALA A 105 -15.41 -9.41 14.15
C ALA A 105 -14.03 -8.83 13.89
N HIS A 106 -13.97 -7.62 13.35
CA HIS A 106 -12.70 -7.00 12.97
C HIS A 106 -11.86 -6.59 14.19
N THR A 107 -12.51 -6.32 15.33
CA THR A 107 -11.90 -5.51 16.38
C THR A 107 -10.73 -6.23 17.07
N ARG A 108 -10.96 -7.45 17.56
CA ARG A 108 -9.90 -8.09 18.34
C ARG A 108 -8.71 -8.46 17.46
N PRO A 109 -8.90 -9.03 16.25
CA PRO A 109 -7.75 -9.20 15.36
C PRO A 109 -7.04 -7.89 15.06
N ARG A 110 -7.78 -6.81 14.88
CA ARG A 110 -7.17 -5.49 14.68
C ARG A 110 -6.34 -5.09 15.88
N ALA A 111 -6.85 -5.33 17.09
CA ALA A 111 -6.12 -4.98 18.30
C ALA A 111 -4.80 -5.74 18.38
N VAL A 112 -4.82 -7.02 17.99
CA VAL A 112 -3.59 -7.83 18.03
C VAL A 112 -2.54 -7.26 17.09
N LEU A 113 -2.92 -6.99 15.83
CA LEU A 113 -1.94 -6.42 14.91
C LEU A 113 -1.50 -5.03 15.33
N SER A 114 -2.40 -4.27 15.97
CA SER A 114 -2.03 -2.94 16.44
C SER A 114 -0.97 -3.03 17.53
N LYS A 115 -1.04 -4.03 18.40
CA LYS A 115 -0.02 -4.21 19.43
C LYS A 115 1.25 -4.82 18.86
N VAL A 116 1.12 -5.78 17.93
CA VAL A 116 2.30 -6.39 17.33
C VAL A 116 3.12 -5.34 16.56
N LEU A 117 2.44 -4.41 15.91
CA LEU A 117 3.10 -3.38 15.09
C LEU A 117 3.01 -2.02 15.77
N SER A 118 3.13 -2.02 17.09
CA SER A 118 2.86 -0.86 17.93
C SER A 118 4.04 0.11 17.95
N PRO A 119 3.82 1.34 18.42
CA PRO A 119 4.96 2.22 18.70
C PRO A 119 6.02 1.57 19.57
N ALA A 120 5.61 0.84 20.61
CA ALA A 120 6.59 0.14 21.45
C ALA A 120 7.44 -0.81 20.63
N THR A 121 6.81 -1.51 19.68
CA THR A 121 7.55 -2.45 18.84
C THR A 121 8.59 -1.75 17.97
N MET A 122 8.25 -0.54 17.49
CA MET A 122 9.17 0.17 16.59
C MET A 122 10.51 0.46 17.27
N LYS A 123 10.51 0.60 18.59
CA LYS A 123 11.76 0.81 19.31
C LYS A 123 12.71 -0.37 19.15
N THR A 124 12.15 -1.59 19.08
CA THR A 124 12.98 -2.79 19.02
C THR A 124 13.61 -3.01 17.66
N ILE A 125 13.11 -2.39 16.61
CA ILE A 125 13.59 -2.63 15.25
C ILE A 125 14.24 -1.41 14.61
N ARG A 126 14.12 -0.22 15.20
CA ARG A 126 14.54 0.99 14.50
C ARG A 126 16.02 0.99 14.17
N ASP A 127 16.86 0.64 15.15
CA ASP A 127 18.30 0.71 14.93
C ASP A 127 18.74 -0.21 13.79
N GLY A 128 18.23 -1.44 13.78
CA GLY A 128 18.56 -2.35 12.70
C GLY A 128 18.02 -1.88 11.36
N PHE A 129 16.79 -1.37 11.34
CA PHE A 129 16.21 -0.86 10.09
C PHE A 129 17.01 0.33 9.58
N ALA A 130 17.40 1.24 10.47
CA ALA A 130 18.16 2.41 10.05
C ALA A 130 19.55 2.02 9.59
N ALA A 131 20.23 1.13 10.32
CA ALA A 131 21.57 0.71 9.94
C ALA A 131 21.57 0.04 8.56
N ALA A 132 20.55 -0.79 8.29
CA ALA A 132 20.48 -1.45 6.99
C ALA A 132 20.26 -0.45 5.86
N ALA A 133 19.47 0.59 6.11
CA ALA A 133 19.23 1.61 5.08
C ALA A 133 20.52 2.40 4.79
N ASP A 134 21.21 2.83 5.86
CA ASP A 134 22.51 3.49 5.69
C ASP A 134 23.46 2.62 4.88
N ALA A 135 23.55 1.34 5.24
CA ALA A 135 24.47 0.43 4.56
C ALA A 135 24.09 0.23 3.09
N LYS A 136 22.79 0.11 2.82
CA LYS A 136 22.35 -0.07 1.43
C LYS A 136 22.72 1.13 0.58
N VAL A 137 22.55 2.34 1.10
CA VAL A 137 22.84 3.53 0.31
C VAL A 137 24.34 3.65 0.07
N ASP A 138 25.16 3.33 1.08
CA ASP A 138 26.60 3.37 0.86
C ASP A 138 27.04 2.29 -0.12
N GLU A 139 26.42 1.11 -0.06
CA GLU A 139 26.70 0.08 -1.04
C GLU A 139 26.40 0.56 -2.46
N LEU A 140 25.23 1.18 -2.65
CA LEU A 140 24.87 1.64 -4.00
C LEU A 140 25.76 2.78 -4.46
N LEU A 141 26.24 3.61 -3.55
CA LEU A 141 27.14 4.70 -3.93
C LEU A 141 28.46 4.18 -4.47
N GLN A 142 28.88 2.98 -4.07
CA GLN A 142 30.07 2.38 -4.66
C GLN A 142 29.83 1.93 -6.09
N ARG A 143 28.56 1.75 -6.48
CA ARG A 143 28.22 1.33 -7.84
C ARG A 143 27.95 2.53 -8.75
N GLY A 144 27.49 3.63 -8.19
CA GLY A 144 27.17 4.82 -8.97
C GLY A 144 25.84 4.72 -9.67
N CYS A 145 25.77 3.89 -10.71
CA CYS A 145 24.55 3.71 -11.50
C CYS A 145 23.86 2.41 -11.14
N ILE A 146 22.58 2.49 -10.80
CA ILE A 146 21.85 1.35 -10.25
C ILE A 146 20.42 1.37 -10.78
N ASP A 147 19.64 0.35 -10.43
CA ASP A 147 18.20 0.35 -10.63
C ASP A 147 17.57 0.64 -9.28
N ALA A 148 16.95 1.82 -9.15
CA ALA A 148 16.39 2.21 -7.86
C ALA A 148 15.22 1.33 -7.43
N ILE A 149 14.68 0.50 -8.31
CA ILE A 149 13.64 -0.43 -7.89
C ILE A 149 14.30 -1.68 -7.34
N ALA A 150 14.83 -2.52 -8.25
CA ALA A 150 15.41 -3.80 -7.83
C ALA A 150 16.49 -3.64 -6.78
N ASP A 151 17.40 -2.68 -6.97
CA ASP A 151 18.58 -2.57 -6.13
C ASP A 151 18.37 -1.72 -4.87
N LEU A 152 17.22 -1.06 -4.73
CA LEU A 152 17.01 -0.15 -3.61
C LEU A 152 15.60 -0.29 -3.05
N ALA A 153 14.60 0.12 -3.83
CA ALA A 153 13.23 0.11 -3.36
C ALA A 153 12.76 -1.30 -3.00
N GLU A 154 13.20 -2.30 -3.76
CA GLU A 154 12.87 -3.69 -3.48
C GLU A 154 13.85 -4.33 -2.52
N ALA A 155 15.14 -4.08 -2.72
CA ALA A 155 16.17 -4.76 -1.94
C ALA A 155 16.08 -4.40 -0.46
N TYR A 156 15.83 -3.12 -0.15
CA TYR A 156 15.88 -2.73 1.27
C TYR A 156 14.77 -3.36 2.09
N PRO A 157 13.48 -3.24 1.73
CA PRO A 157 12.45 -3.93 2.53
C PRO A 157 12.67 -5.43 2.63
N LEU A 158 13.13 -6.07 1.56
CA LEU A 158 13.45 -7.48 1.63
C LEU A 158 14.60 -7.77 2.59
N SER A 159 15.45 -6.79 2.85
CA SER A 159 16.59 -7.01 3.74
C SER A 159 16.22 -6.85 5.22
N VAL A 160 15.08 -6.25 5.55
CA VAL A 160 14.71 -5.99 6.94
C VAL A 160 13.39 -6.65 7.32
N PHE A 161 12.39 -6.65 6.44
CA PHE A 161 11.06 -7.04 6.89
C PHE A 161 10.93 -8.54 7.13
N PRO A 162 11.34 -9.44 6.21
CA PRO A 162 11.24 -10.87 6.52
C PRO A 162 11.94 -11.25 7.82
N ASP A 163 13.10 -10.66 8.10
CA ASP A 163 13.80 -10.93 9.36
C ASP A 163 12.96 -10.44 10.54
N ALA A 164 12.46 -9.21 10.46
CA ALA A 164 11.60 -8.70 11.53
C ALA A 164 10.35 -9.56 11.70
N MET A 165 9.81 -10.08 10.59
N MET A 165 9.83 -10.08 10.59
CA MET A 165 8.68 -11.00 10.66
CA MET A 165 8.69 -10.98 10.64
C MET A 165 9.05 -12.28 11.38
C MET A 165 9.04 -12.30 11.33
N GLY A 166 10.32 -12.67 11.32
CA GLY A 166 10.75 -13.94 11.86
C GLY A 166 10.67 -15.09 10.88
N LEU A 167 10.68 -14.80 9.58
CA LEU A 167 10.60 -15.86 8.59
C LEU A 167 11.94 -16.57 8.45
N LYS A 168 11.87 -17.86 8.17
CA LYS A 168 13.08 -18.60 7.81
C LYS A 168 13.61 -18.11 6.46
N GLN A 169 14.86 -18.49 6.17
CA GLN A 169 15.46 -18.08 4.89
C GLN A 169 14.80 -18.79 3.72
N GLU A 170 14.49 -20.07 3.88
CA GLU A 170 13.96 -20.88 2.79
C GLU A 170 12.60 -20.37 2.35
N GLY A 171 12.45 -20.13 1.04
CA GLY A 171 11.15 -19.82 0.46
C GLY A 171 10.86 -18.36 0.27
N ARG A 172 11.73 -17.46 0.73
CA ARG A 172 11.43 -16.04 0.61
C ARG A 172 11.29 -15.58 -0.83
N GLU A 173 11.70 -16.40 -1.80
CA GLU A 173 11.50 -16.05 -3.21
C GLU A 173 10.03 -15.99 -3.58
N HIS A 174 9.15 -16.56 -2.75
CA HIS A 174 7.71 -16.51 -2.99
C HIS A 174 7.05 -15.22 -2.49
N LEU A 175 7.78 -14.37 -1.76
CA LEU A 175 7.13 -13.22 -1.11
C LEU A 175 6.68 -12.19 -2.12
N LEU A 176 7.55 -11.78 -3.02
CA LEU A 176 7.12 -10.82 -4.04
C LEU A 176 6.03 -11.39 -4.93
N PRO A 177 6.11 -12.63 -5.45
CA PRO A 177 4.99 -13.15 -6.24
C PRO A 177 3.68 -13.20 -5.49
N TYR A 178 3.68 -13.56 -4.22
CA TYR A 178 2.43 -13.63 -3.47
C TYR A 178 1.82 -12.26 -3.25
N ALA A 179 2.65 -11.27 -2.92
CA ALA A 179 2.17 -9.90 -2.76
C ALA A 179 1.52 -9.39 -4.04
N GLY A 180 2.22 -9.54 -5.17
CA GLY A 180 1.64 -9.14 -6.44
C GLY A 180 0.32 -9.84 -6.71
N LEU A 181 0.25 -11.13 -6.41
CA LEU A 181 -0.97 -11.90 -6.62
C LEU A 181 -2.12 -11.36 -5.78
N VAL A 182 -1.86 -11.06 -4.50
CA VAL A 182 -2.90 -10.55 -3.62
C VAL A 182 -3.53 -9.29 -4.19
N PHE A 183 -2.69 -8.36 -4.65
CA PHE A 183 -3.24 -7.09 -5.11
C PHE A 183 -3.85 -7.19 -6.51
N ASN A 184 -3.36 -8.10 -7.34
CA ASN A 184 -4.04 -8.34 -8.60
C ASN A 184 -5.42 -8.96 -8.40
N ALA A 185 -5.57 -9.78 -7.35
CA ALA A 185 -6.83 -10.47 -7.09
C ALA A 185 -7.92 -9.54 -6.58
N PHE A 186 -7.56 -8.36 -6.06
CA PHE A 186 -8.57 -7.36 -5.75
C PHE A 186 -9.26 -6.83 -7.00
N GLY A 187 -8.64 -6.99 -8.16
CA GLY A 187 -9.15 -6.42 -9.38
C GLY A 187 -10.25 -7.26 -10.01
N PRO A 188 -10.66 -6.85 -11.21
CA PRO A 188 -11.65 -7.60 -11.95
C PRO A 188 -11.02 -8.83 -12.58
N PRO A 189 -11.83 -9.75 -13.10
CA PRO A 189 -11.25 -10.95 -13.73
C PRO A 189 -10.67 -10.66 -15.11
N ASN A 190 -9.69 -9.77 -15.15
CA ASN A 190 -8.96 -9.51 -16.38
C ASN A 190 -7.75 -10.45 -16.43
N GLU A 191 -6.86 -10.25 -17.39
CA GLU A 191 -5.75 -11.18 -17.57
C GLU A 191 -4.79 -11.13 -16.38
N LEU A 192 -4.50 -9.92 -15.90
CA LEU A 192 -3.63 -9.77 -14.74
C LEU A 192 -4.10 -10.60 -13.55
N ARG A 193 -5.41 -10.59 -13.30
CA ARG A 193 -5.93 -11.33 -12.16
C ARG A 193 -5.91 -12.84 -12.43
N GLN A 194 -6.41 -13.25 -13.58
CA GLN A 194 -6.56 -14.68 -13.83
C GLN A 194 -5.22 -15.37 -13.99
N THR A 195 -4.26 -14.74 -14.65
CA THR A 195 -2.93 -15.35 -14.77
C THR A 195 -2.25 -15.47 -13.41
N ALA A 196 -2.55 -14.58 -12.47
CA ALA A 196 -1.94 -14.67 -11.15
C ALA A 196 -2.56 -15.77 -10.31
N ILE A 197 -3.88 -15.94 -10.39
CA ILE A 197 -4.56 -16.89 -9.51
C ILE A 197 -4.37 -18.33 -9.99
N GLU A 198 -4.31 -18.55 -11.30
CA GLU A 198 -4.47 -19.90 -11.84
C GLU A 198 -3.41 -20.86 -11.31
N ARG A 199 -2.14 -20.47 -11.33
CA ARG A 199 -1.06 -21.33 -10.88
C ARG A 199 -0.40 -20.79 -9.61
N SER A 200 -1.21 -20.25 -8.70
CA SER A 200 -0.72 -19.63 -7.48
C SER A 200 -0.59 -20.61 -6.31
N ALA A 201 -0.96 -21.87 -6.50
CA ALA A 201 -0.88 -22.84 -5.41
C ALA A 201 0.50 -22.94 -4.77
N PRO A 202 1.62 -22.94 -5.51
CA PRO A 202 2.92 -22.98 -4.82
C PRO A 202 3.15 -21.79 -3.91
N HIS A 203 2.74 -20.59 -4.34
CA HIS A 203 2.88 -19.42 -3.49
C HIS A 203 2.02 -19.54 -2.24
N GLN A 204 0.78 -20.00 -2.41
CA GLN A 204 -0.13 -20.14 -1.27
C GLN A 204 0.36 -21.19 -0.29
N ALA A 205 0.92 -22.30 -0.80
CA ALA A 205 1.41 -23.34 0.07
C ALA A 205 2.59 -22.85 0.90
N TYR A 206 3.50 -22.10 0.29
CA TYR A 206 4.61 -21.53 1.06
C TYR A 206 4.09 -20.60 2.14
N VAL A 207 3.22 -19.66 1.78
CA VAL A 207 2.73 -18.68 2.75
C VAL A 207 2.02 -19.37 3.90
N ASN A 208 1.08 -20.27 3.58
CA ASN A 208 0.33 -20.97 4.62
C ASN A 208 1.26 -21.73 5.56
N GLU A 209 2.31 -22.35 5.02
CA GLU A 209 3.26 -23.08 5.87
C GLU A 209 3.95 -22.14 6.85
N GLN A 210 4.44 -20.99 6.37
CA GLN A 210 5.14 -20.06 7.26
C GLN A 210 4.21 -19.39 8.26
N CYS A 211 2.90 -19.49 8.10
CA CYS A 211 2.02 -18.93 9.11
C CYS A 211 1.92 -19.81 10.35
N GLN A 212 2.44 -21.03 10.30
CA GLN A 212 2.35 -21.92 11.44
C GLN A 212 3.41 -21.57 12.48
N ARG A 213 3.00 -21.61 13.75
CA ARG A 213 3.85 -21.17 14.85
C ARG A 213 5.27 -21.76 14.84
N PRO A 214 5.48 -23.06 14.61
CA PRO A 214 6.86 -23.58 14.67
C PRO A 214 7.80 -22.96 13.64
N ASN A 215 7.28 -22.35 12.59
CA ASN A 215 8.10 -21.83 11.51
C ASN A 215 8.44 -20.35 11.66
N LEU A 216 8.04 -19.73 12.77
CA LEU A 216 8.25 -18.30 12.99
C LEU A 216 9.23 -18.10 14.13
N ALA A 217 10.21 -17.23 13.91
CA ALA A 217 11.26 -17.01 14.91
C ALA A 217 10.67 -16.33 16.14
N PRO A 218 10.89 -16.88 17.34
CA PRO A 218 10.41 -16.20 18.55
C PRO A 218 10.90 -14.76 18.60
N GLY A 219 10.01 -13.86 19.03
CA GLY A 219 10.30 -12.45 19.10
C GLY A 219 9.96 -11.66 17.86
N GLY A 220 9.79 -12.32 16.71
CA GLY A 220 9.40 -11.64 15.49
C GLY A 220 7.90 -11.37 15.45
N PHE A 221 7.48 -10.67 14.40
CA PHE A 221 6.08 -10.28 14.28
C PHE A 221 5.17 -11.50 14.30
N GLY A 222 5.52 -12.54 13.54
CA GLY A 222 4.62 -13.68 13.41
C GLY A 222 4.48 -14.47 14.69
N ALA A 223 5.60 -14.68 15.39
CA ALA A 223 5.55 -15.36 16.69
C ALA A 223 4.80 -14.53 17.71
N CYS A 224 4.92 -13.19 17.64
CA CYS A 224 4.18 -12.36 18.59
C CYS A 224 2.69 -12.47 18.37
N ILE A 225 2.26 -12.58 17.09
CA ILE A 225 0.84 -12.82 16.82
C ILE A 225 0.36 -14.09 17.51
N HIS A 226 1.11 -15.17 17.32
CA HIS A 226 0.75 -16.44 17.97
C HIS A 226 0.73 -16.29 19.49
N ALA A 227 1.64 -15.48 20.04
CA ALA A 227 1.69 -15.32 21.49
C ALA A 227 0.41 -14.70 22.03
N PHE A 228 -0.29 -13.90 21.20
CA PHE A 228 -1.53 -13.28 21.63
C PHE A 228 -2.69 -14.26 21.72
N THR A 229 -2.54 -15.49 21.23
CA THR A 229 -3.60 -16.48 21.44
C THR A 229 -3.79 -16.76 22.93
N ASP A 230 -2.75 -16.56 23.74
CA ASP A 230 -2.85 -16.79 25.18
C ASP A 230 -3.82 -15.81 25.84
N THR A 231 -3.99 -14.62 25.26
CA THR A 231 -4.73 -13.55 25.92
C THR A 231 -6.23 -13.66 25.74
N GLY A 232 -6.70 -14.47 24.80
CA GLY A 232 -8.10 -14.47 24.45
C GLY A 232 -8.48 -13.48 23.38
N GLU A 233 -7.52 -12.77 22.80
CA GLU A 233 -7.88 -11.84 21.73
C GLU A 233 -8.07 -12.58 20.41
N ILE A 234 -7.26 -13.60 20.14
CA ILE A 234 -7.46 -14.47 18.99
C ILE A 234 -7.29 -15.92 19.43
N THR A 235 -7.95 -16.84 18.72
CA THR A 235 -7.77 -18.25 19.01
C THR A 235 -6.55 -18.78 18.28
N PRO A 236 -6.00 -19.91 18.71
CA PRO A 236 -4.88 -20.50 17.94
C PRO A 236 -5.21 -20.74 16.49
N ASP A 237 -6.44 -21.14 16.16
CA ASP A 237 -6.78 -21.38 14.76
C ASP A 237 -6.96 -20.09 13.96
N GLU A 238 -7.15 -18.95 14.64
CA GLU A 238 -7.17 -17.66 13.97
C GLU A 238 -5.77 -17.15 13.66
N ALA A 239 -4.78 -17.53 14.47
CA ALA A 239 -3.44 -16.93 14.37
C ALA A 239 -2.79 -17.12 13.00
N PRO A 240 -2.79 -18.31 12.38
CA PRO A 240 -2.17 -18.41 11.05
C PRO A 240 -2.74 -17.43 10.04
N LEU A 241 -4.06 -17.25 10.05
CA LEU A 241 -4.71 -16.32 9.13
C LEU A 241 -4.25 -14.89 9.37
N LEU A 242 -4.06 -14.50 10.63
CA LEU A 242 -3.59 -13.15 10.92
C LEU A 242 -2.14 -12.95 10.49
N VAL A 243 -1.28 -13.94 10.73
CA VAL A 243 0.08 -13.88 10.21
C VAL A 243 0.06 -13.69 8.69
N ARG A 244 -0.86 -14.38 8.01
CA ARG A 244 -0.96 -14.28 6.56
C ARG A 244 -1.14 -12.83 6.10
N SER A 245 -1.85 -12.02 6.88
CA SER A 245 -2.03 -10.62 6.52
C SER A 245 -0.69 -9.91 6.34
N LEU A 246 0.29 -10.25 7.16
CA LEU A 246 1.59 -9.58 7.09
C LEU A 246 2.53 -10.20 6.07
N LEU A 247 2.13 -11.29 5.43
CA LEU A 247 2.81 -11.79 4.24
C LEU A 247 2.05 -11.44 2.98
N SER A 248 0.90 -10.77 3.10
CA SER A 248 0.11 -10.27 1.99
C SER A 248 0.31 -8.78 1.79
N ALA A 249 0.09 -8.01 2.86
CA ALA A 249 0.25 -6.57 2.84
C ALA A 249 1.64 -6.17 3.30
N GLY A 250 2.05 -4.97 2.89
CA GLY A 250 3.20 -4.30 3.46
C GLY A 250 4.46 -4.34 2.62
N LEU A 251 4.61 -5.34 1.75
CA LEU A 251 5.80 -5.47 0.93
C LEU A 251 5.74 -4.55 -0.28
N ASP A 252 4.86 -4.87 -1.24
CA ASP A 252 4.82 -4.13 -2.49
C ASP A 252 4.48 -2.67 -2.29
N GLU A 253 3.57 -2.37 -1.36
CA GLU A 253 3.18 -0.98 -1.13
C GLU A 253 4.36 -0.15 -0.67
N THR A 254 5.17 -0.70 0.24
CA THR A 254 6.34 0.01 0.75
C THR A 254 7.42 0.11 -0.31
N VAL A 255 7.64 -0.97 -1.07
CA VAL A 255 8.54 -0.92 -2.22
C VAL A 255 8.14 0.21 -3.17
N ASN A 256 6.87 0.21 -3.58
CA ASN A 256 6.42 1.21 -4.54
C ASN A 256 6.53 2.62 -3.96
N GLY A 257 6.23 2.78 -2.67
CA GLY A 257 6.35 4.08 -2.05
C GLY A 257 7.78 4.58 -2.03
N ILE A 258 8.72 3.72 -1.67
CA ILE A 258 10.12 4.13 -1.64
C ILE A 258 10.61 4.44 -3.05
N GLY A 259 10.21 3.63 -4.04
CA GLY A 259 10.59 3.91 -5.41
C GLY A 259 10.03 5.23 -5.91
N ALA A 260 8.78 5.54 -5.56
CA ALA A 260 8.21 6.82 -5.94
C ALA A 260 8.95 7.98 -5.28
N ALA A 261 9.35 7.79 -4.02
CA ALA A 261 10.10 8.84 -3.32
C ALA A 261 11.40 9.14 -4.06
N VAL A 262 12.15 8.10 -4.43
CA VAL A 262 13.38 8.29 -5.19
C VAL A 262 13.09 8.98 -6.51
N TYR A 263 12.01 8.55 -7.18
CA TYR A 263 11.64 9.18 -8.44
C TYR A 263 11.38 10.66 -8.26
N CYS A 264 10.61 11.03 -7.23
CA CYS A 264 10.32 12.43 -6.99
C CYS A 264 11.57 13.22 -6.63
N LEU A 265 12.48 12.61 -5.86
CA LEU A 265 13.72 13.29 -5.53
C LEU A 265 14.61 13.47 -6.76
N ALA A 266 14.44 12.66 -7.79
CA ALA A 266 15.17 12.85 -9.04
C ALA A 266 14.47 13.86 -9.94
N ARG A 267 13.13 13.86 -9.96
CA ARG A 267 12.40 14.77 -10.84
C ARG A 267 12.16 16.15 -10.23
N PHE A 268 12.19 16.26 -8.90
CA PHE A 268 12.08 17.55 -8.21
C PHE A 268 13.38 17.81 -7.46
N PRO A 269 14.46 18.14 -8.17
CA PRO A 269 15.77 18.24 -7.51
C PRO A 269 15.84 19.29 -6.43
N GLY A 270 15.00 20.33 -6.48
CA GLY A 270 14.94 21.29 -5.40
C GLY A 270 14.51 20.66 -4.09
N GLU A 271 13.64 19.65 -4.14
CA GLU A 271 13.19 18.98 -2.93
C GLU A 271 14.26 18.09 -2.32
N LEU A 272 15.10 17.45 -3.15
CA LEU A 272 16.23 16.72 -2.60
C LEU A 272 17.17 17.66 -1.87
N GLN A 273 17.37 18.86 -2.40
CA GLN A 273 18.27 19.80 -1.74
CA GLN A 273 18.27 19.81 -1.74
C GLN A 273 17.70 20.32 -0.43
N ARG A 274 16.37 20.43 -0.31
CA ARG A 274 15.79 20.77 0.98
C ARG A 274 15.94 19.61 1.96
N LEU A 275 15.75 18.39 1.47
CA LEU A 275 15.92 17.22 2.33
C LEU A 275 17.37 17.10 2.81
N ARG A 276 18.33 17.35 1.92
CA ARG A 276 19.73 17.31 2.34
C ARG A 276 20.01 18.33 3.43
N SER A 277 19.41 19.53 3.34
N SER A 277 19.39 19.52 3.34
CA SER A 277 19.68 20.58 4.31
CA SER A 277 19.69 20.57 4.32
C SER A 277 19.01 20.32 5.65
C SER A 277 19.02 20.30 5.66
N ASP A 278 17.93 19.54 5.68
CA ASP A 278 17.26 19.14 6.92
C ASP A 278 16.84 17.69 6.82
N PRO A 279 17.74 16.76 7.13
CA PRO A 279 17.37 15.33 7.08
C PRO A 279 16.22 14.94 7.99
N THR A 280 15.88 15.76 8.98
CA THR A 280 14.72 15.43 9.81
C THR A 280 13.41 15.61 9.05
N LEU A 281 13.44 16.11 7.82
CA LEU A 281 12.27 16.09 6.96
C LEU A 281 12.03 14.74 6.30
N ALA A 282 12.85 13.73 6.62
CA ALA A 282 12.79 12.46 5.91
C ALA A 282 11.43 11.79 6.08
N ARG A 283 10.92 11.79 7.30
CA ARG A 283 9.63 11.15 7.57
C ARG A 283 8.51 11.82 6.78
N ASN A 284 8.47 13.15 6.77
CA ASN A 284 7.42 13.82 6.00
C ASN A 284 7.68 13.71 4.51
N ALA A 285 8.95 13.66 4.08
CA ALA A 285 9.23 13.46 2.67
C ALA A 285 8.69 12.11 2.19
N PHE A 286 8.73 11.09 3.04
CA PHE A 286 8.15 9.81 2.65
C PHE A 286 6.63 9.87 2.69
N GLU A 287 6.06 10.55 3.69
CA GLU A 287 4.61 10.68 3.76
C GLU A 287 4.07 11.37 2.52
N GLU A 288 4.75 12.44 2.09
CA GLU A 288 4.34 13.13 0.87
C GLU A 288 4.43 12.20 -0.35
N ALA A 289 5.45 11.35 -0.39
CA ALA A 289 5.54 10.38 -1.49
C ALA A 289 4.36 9.40 -1.46
N VAL A 290 3.92 9.00 -0.27
CA VAL A 290 2.75 8.13 -0.16
C VAL A 290 1.50 8.85 -0.69
N ARG A 291 1.35 10.14 -0.37
CA ARG A 291 0.23 10.89 -0.94
C ARG A 291 0.37 11.03 -2.45
N PHE A 292 1.57 11.42 -2.90
CA PHE A 292 1.84 11.65 -4.32
C PHE A 292 1.60 10.39 -5.14
N GLU A 293 2.16 9.26 -4.70
CA GLU A 293 2.07 8.02 -5.44
C GLU A 293 0.81 7.24 -5.13
N SER A 294 0.41 7.20 -3.86
CA SER A 294 -0.69 6.37 -3.40
C SER A 294 -0.48 4.96 -3.90
N PRO A 295 0.49 4.23 -3.33
CA PRO A 295 0.82 2.89 -3.85
C PRO A 295 -0.38 1.97 -3.95
N VAL A 296 -1.29 2.03 -2.98
CA VAL A 296 -2.58 1.36 -3.10
C VAL A 296 -3.51 2.37 -3.75
N GLN A 297 -3.80 2.15 -5.03
CA GLN A 297 -4.55 3.11 -5.83
C GLN A 297 -6.04 3.03 -5.58
N THR A 298 -6.58 1.83 -5.43
CA THR A 298 -8.02 1.59 -5.44
C THR A 298 -8.34 0.34 -4.63
N PHE A 299 -9.50 0.37 -3.97
CA PHE A 299 -10.18 -0.87 -3.57
C PHE A 299 -11.65 -0.53 -3.35
N PHE A 300 -12.41 -1.54 -2.92
CA PHE A 300 -13.86 -1.47 -2.93
C PHE A 300 -14.44 -1.53 -1.52
N ARG A 301 -15.66 -1.03 -1.41
CA ARG A 301 -16.61 -1.37 -0.37
C ARG A 301 -17.87 -1.91 -1.03
N THR A 302 -18.73 -2.56 -0.24
CA THR A 302 -20.03 -3.04 -0.71
C THR A 302 -21.11 -2.43 0.16
N THR A 303 -22.14 -1.86 -0.47
CA THR A 303 -23.19 -1.22 0.31
C THR A 303 -24.06 -2.28 0.99
N THR A 304 -24.42 -2.01 2.24
CA THR A 304 -25.31 -2.86 3.02
C THR A 304 -26.75 -2.35 3.01
N ARG A 305 -26.97 -1.19 2.40
CA ARG A 305 -28.24 -0.48 2.41
C ARG A 305 -28.29 0.36 1.14
N GLU A 306 -29.50 0.73 0.72
CA GLU A 306 -29.60 1.80 -0.26
C GLU A 306 -29.17 3.10 0.38
N VAL A 307 -28.26 3.84 -0.27
CA VAL A 307 -27.60 4.96 0.39
C VAL A 307 -27.56 6.19 -0.51
N GLU A 308 -27.70 7.36 0.12
CA GLU A 308 -27.56 8.65 -0.54
C GLU A 308 -26.13 9.13 -0.30
N LEU A 309 -25.34 9.16 -1.36
CA LEU A 309 -23.96 9.67 -1.33
C LEU A 309 -23.84 10.75 -2.39
N GLY A 310 -23.46 11.96 -1.96
CA GLY A 310 -23.51 13.10 -2.85
C GLY A 310 -24.94 13.53 -3.13
N GLY A 311 -25.47 13.15 -4.29
CA GLY A 311 -26.87 13.40 -4.61
C GLY A 311 -27.46 12.15 -5.22
N ALA A 312 -26.71 11.07 -5.10
CA ALA A 312 -26.94 9.78 -5.74
C ALA A 312 -27.53 8.80 -4.73
N VAL A 313 -28.41 7.93 -5.21
CA VAL A 313 -28.96 6.87 -4.37
C VAL A 313 -28.42 5.54 -4.88
N ILE A 314 -27.44 5.00 -4.16
CA ILE A 314 -26.80 3.73 -4.50
C ILE A 314 -27.63 2.61 -3.89
N GLY A 315 -27.89 1.57 -4.68
CA GLY A 315 -28.65 0.44 -4.19
C GLY A 315 -27.86 -0.40 -3.20
N GLU A 316 -28.58 -1.32 -2.54
CA GLU A 316 -27.94 -2.27 -1.64
C GLU A 316 -27.17 -3.32 -2.43
N GLY A 317 -26.10 -3.81 -1.82
CA GLY A 317 -25.33 -4.88 -2.43
C GLY A 317 -24.52 -4.45 -3.62
N GLU A 318 -24.22 -3.16 -3.73
CA GLU A 318 -23.47 -2.63 -4.87
C GLU A 318 -22.02 -2.40 -4.47
N LYS A 319 -21.11 -2.68 -5.40
CA LYS A 319 -19.69 -2.43 -5.18
C LYS A 319 -19.37 -0.97 -5.46
N VAL A 320 -18.57 -0.37 -4.59
CA VAL A 320 -18.21 1.05 -4.68
C VAL A 320 -16.69 1.15 -4.73
N LEU A 321 -16.17 1.61 -5.86
CA LEU A 321 -14.73 1.72 -6.07
C LEU A 321 -14.25 3.10 -5.61
N MET A 322 -13.26 3.11 -4.72
CA MET A 322 -12.66 4.34 -4.22
C MET A 322 -11.32 4.56 -4.91
N PHE A 323 -11.07 5.79 -5.37
CA PHE A 323 -9.81 6.16 -6.02
C PHE A 323 -8.99 6.94 -5.00
N LEU A 324 -8.16 6.22 -4.23
CA LEU A 324 -7.35 6.86 -3.21
C LEU A 324 -6.35 7.84 -3.82
N GLY A 325 -5.71 7.45 -4.93
CA GLY A 325 -4.77 8.34 -5.57
C GLY A 325 -5.41 9.64 -6.02
N SER A 326 -6.62 9.54 -6.58
CA SER A 326 -7.37 10.72 -6.99
C SER A 326 -7.73 11.59 -5.80
N ALA A 327 -8.21 10.97 -4.72
CA ALA A 327 -8.55 11.73 -3.52
C ALA A 327 -7.35 12.50 -3.00
N ASN A 328 -6.15 11.92 -3.11
CA ASN A 328 -4.94 12.56 -2.63
C ASN A 328 -4.40 13.60 -3.61
N ARG A 329 -5.03 13.74 -4.77
CA ARG A 329 -4.66 14.76 -5.75
C ARG A 329 -5.85 15.66 -6.12
N ASP A 330 -6.89 15.66 -5.30
CA ASP A 330 -8.07 16.47 -5.55
C ASP A 330 -7.80 17.93 -5.25
N PRO A 331 -7.87 18.84 -6.24
CA PRO A 331 -7.60 20.25 -5.96
C PRO A 331 -8.65 20.91 -5.09
N ARG A 332 -9.80 20.25 -4.85
CA ARG A 332 -10.75 20.75 -3.88
C ARG A 332 -10.20 20.72 -2.46
N ARG A 333 -9.18 19.90 -2.21
CA ARG A 333 -8.62 19.71 -0.89
C ARG A 333 -7.13 20.03 -0.81
N TRP A 334 -6.39 19.90 -1.90
CA TRP A 334 -4.94 20.05 -1.90
C TRP A 334 -4.53 21.22 -2.78
N SER A 335 -3.53 21.97 -2.32
CA SER A 335 -2.92 23.01 -3.13
C SER A 335 -1.81 22.38 -3.97
N ASP A 336 -1.80 22.69 -5.27
CA ASP A 336 -0.82 22.13 -6.20
C ASP A 336 -0.68 20.62 -6.02
N PRO A 337 -1.77 19.86 -6.18
CA PRO A 337 -1.74 18.45 -5.81
C PRO A 337 -0.73 17.63 -6.58
N ASP A 338 -0.34 18.06 -7.77
CA ASP A 338 0.58 17.30 -8.60
C ASP A 338 2.04 17.61 -8.31
N LEU A 339 2.31 18.51 -7.37
CA LEU A 339 3.67 18.83 -6.97
C LEU A 339 4.08 17.99 -5.76
N TYR A 340 5.32 17.53 -5.77
CA TYR A 340 5.93 16.87 -4.63
C TYR A 340 6.57 17.93 -3.73
N ASP A 341 6.06 18.07 -2.51
CA ASP A 341 6.47 19.11 -1.58
C ASP A 341 6.73 18.47 -0.22
N ILE A 342 8.00 18.41 0.17
CA ILE A 342 8.36 17.64 1.37
C ILE A 342 8.02 18.33 2.66
N THR A 343 7.63 19.61 2.63
CA THR A 343 7.10 20.29 3.81
C THR A 343 5.59 20.47 3.76
N ARG A 344 4.91 19.86 2.78
CA ARG A 344 3.46 19.90 2.75
C ARG A 344 2.88 19.32 4.03
N LYS A 345 1.80 19.92 4.51
CA LYS A 345 1.06 19.37 5.65
C LYS A 345 0.26 18.19 5.12
N THR A 346 0.78 16.98 5.32
CA THR A 346 0.26 15.77 4.71
C THR A 346 -0.85 15.11 5.51
N SER A 347 -1.06 15.51 6.76
N SER A 347 -1.07 15.52 6.76
N SER A 347 -1.07 15.52 6.76
CA SER A 347 -2.09 14.89 7.59
CA SER A 347 -2.10 14.92 7.58
CA SER A 347 -2.09 14.90 7.59
C SER A 347 -3.46 15.03 6.93
C SER A 347 -3.46 15.04 6.92
C SER A 347 -3.46 15.04 6.92
N GLY A 348 -4.18 13.92 6.84
CA GLY A 348 -5.46 13.88 6.17
C GLY A 348 -5.45 13.16 4.84
N HIS A 349 -4.28 12.85 4.28
CA HIS A 349 -4.27 12.04 3.08
C HIS A 349 -4.78 10.65 3.39
N VAL A 350 -5.32 9.99 2.37
CA VAL A 350 -5.92 8.67 2.52
C VAL A 350 -5.05 7.58 1.87
N GLY A 351 -3.76 7.84 1.72
CA GLY A 351 -2.87 6.83 1.19
C GLY A 351 -2.80 5.57 2.05
N PHE A 352 -3.02 5.73 3.36
CA PHE A 352 -3.10 4.62 4.29
C PHE A 352 -4.54 4.27 4.65
N GLY A 353 -5.51 4.78 3.90
CA GLY A 353 -6.90 4.62 4.28
C GLY A 353 -7.29 5.64 5.34
N SER A 354 -8.43 5.37 5.98
CA SER A 354 -8.98 6.25 7.00
C SER A 354 -10.06 5.48 7.76
N GLY A 355 -10.14 5.71 9.06
CA GLY A 355 -11.15 5.05 9.87
C GLY A 355 -10.70 3.75 10.49
N VAL A 356 -11.63 2.80 10.66
CA VAL A 356 -11.33 1.64 11.48
C VAL A 356 -10.32 0.71 10.81
N HIS A 357 -10.20 0.75 9.49
CA HIS A 357 -9.28 -0.11 8.77
C HIS A 357 -7.97 0.57 8.40
N MET A 358 -7.79 1.85 8.77
CA MET A 358 -6.59 2.58 8.40
C MET A 358 -5.34 1.76 8.71
N CYS A 359 -4.45 1.69 7.72
CA CYS A 359 -3.33 0.75 7.68
C CYS A 359 -2.72 0.47 9.05
N VAL A 360 -2.92 -0.76 9.55
CA VAL A 360 -2.36 -1.11 10.84
C VAL A 360 -0.84 -1.22 10.79
N GLY A 361 -0.26 -1.30 9.59
CA GLY A 361 1.18 -1.37 9.49
C GLY A 361 1.83 -0.05 9.12
N GLN A 362 1.12 1.06 9.33
CA GLN A 362 1.62 2.34 8.87
C GLN A 362 2.91 2.73 9.56
N LEU A 363 3.10 2.30 10.81
CA LEU A 363 4.34 2.63 11.51
C LEU A 363 5.53 1.87 10.95
N VAL A 364 5.31 0.65 10.45
CA VAL A 364 6.40 -0.08 9.82
C VAL A 364 6.76 0.56 8.48
N ALA A 365 5.75 0.93 7.68
CA ALA A 365 6.00 1.56 6.39
C ALA A 365 6.73 2.89 6.56
N ARG A 366 6.23 3.74 7.46
CA ARG A 366 6.89 5.03 7.68
C ARG A 366 8.30 4.85 8.21
N LEU A 367 8.54 3.81 9.01
CA LEU A 367 9.90 3.58 9.53
C LEU A 367 10.86 3.23 8.40
N GLU A 368 10.47 2.29 7.53
CA GLU A 368 11.30 1.93 6.39
C GLU A 368 11.53 3.12 5.47
N GLY A 369 10.45 3.84 5.14
CA GLY A 369 10.58 4.99 4.27
C GLY A 369 11.43 6.09 4.89
N GLU A 370 11.19 6.38 6.17
CA GLU A 370 11.93 7.47 6.81
C GLU A 370 13.43 7.19 6.83
N VAL A 371 13.84 6.00 7.25
CA VAL A 371 15.27 5.74 7.41
C VAL A 371 15.95 5.64 6.05
N MET A 372 15.24 5.20 5.02
CA MET A 372 15.83 5.18 3.68
C MET A 372 16.03 6.60 3.16
N LEU A 373 15.03 7.47 3.32
CA LEU A 373 15.18 8.83 2.86
C LEU A 373 16.18 9.60 3.72
N SER A 374 16.29 9.25 5.00
CA SER A 374 17.34 9.83 5.85
C SER A 374 18.73 9.47 5.33
N ALA A 375 18.93 8.18 5.00
CA ALA A 375 20.21 7.76 4.46
C ALA A 375 20.53 8.51 3.17
N LEU A 376 19.55 8.64 2.27
CA LEU A 376 19.74 9.44 1.06
C LEU A 376 20.07 10.88 1.42
N ALA A 377 19.33 11.46 2.36
CA ALA A 377 19.52 12.87 2.71
C ALA A 377 20.95 13.15 3.17
N ARG A 378 21.53 12.23 3.92
CA ARG A 378 22.84 12.46 4.51
C ARG A 378 23.99 12.02 3.62
N LYS A 379 23.75 11.11 2.66
CA LYS A 379 24.83 10.51 1.90
C LYS A 379 24.84 10.84 0.41
N VAL A 380 23.74 11.38 -0.14
CA VAL A 380 23.61 11.54 -1.58
C VAL A 380 23.46 13.02 -1.91
N ALA A 381 24.16 13.46 -2.95
CA ALA A 381 24.11 14.85 -3.40
C ALA A 381 23.22 15.06 -4.60
N ALA A 382 23.03 14.05 -5.45
CA ALA A 382 22.11 14.17 -6.57
C ALA A 382 21.62 12.78 -6.94
N ILE A 383 20.48 12.72 -7.60
CA ILE A 383 19.92 11.49 -8.16
C ILE A 383 19.45 11.81 -9.56
N ASP A 384 20.12 11.24 -10.57
CA ASP A 384 19.82 11.55 -11.96
C ASP A 384 19.36 10.31 -12.69
N ILE A 385 18.16 10.38 -13.28
CA ILE A 385 17.68 9.30 -14.13
C ILE A 385 18.58 9.18 -15.35
N ASP A 386 19.09 7.97 -15.59
CA ASP A 386 20.07 7.77 -16.66
C ASP A 386 19.78 6.51 -17.46
N GLY A 387 18.51 6.13 -17.55
CA GLY A 387 18.11 4.97 -18.31
C GLY A 387 16.61 4.91 -18.46
N PRO A 388 16.12 3.97 -19.28
CA PRO A 388 14.68 3.89 -19.54
C PRO A 388 13.89 3.52 -18.28
N VAL A 389 12.86 4.30 -17.99
CA VAL A 389 11.99 4.06 -16.85
C VAL A 389 10.82 3.18 -17.30
N LYS A 390 10.59 2.09 -16.57
CA LYS A 390 9.51 1.15 -16.88
C LYS A 390 8.50 1.11 -15.74
N ARG A 391 7.23 0.99 -16.09
CA ARG A 391 6.16 0.93 -15.11
C ARG A 391 5.82 -0.52 -14.76
N ARG A 392 5.42 -0.72 -13.52
CA ARG A 392 4.97 -2.02 -13.02
C ARG A 392 3.46 -2.03 -13.03
N PHE A 393 2.87 -3.03 -13.69
CA PHE A 393 1.43 -3.09 -13.89
C PHE A 393 0.80 -4.06 -12.89
N ASN A 394 -0.24 -3.58 -12.21
CA ASN A 394 -0.96 -4.33 -11.20
C ASN A 394 -2.35 -3.72 -11.09
N ASN A 395 -3.33 -4.57 -10.80
CA ASN A 395 -4.72 -4.09 -10.81
C ASN A 395 -4.98 -3.02 -9.76
N THR A 396 -4.28 -3.05 -8.63
CA THR A 396 -4.56 -2.08 -7.58
C THR A 396 -3.35 -1.31 -7.08
N LEU A 397 -2.13 -1.73 -7.41
CA LEU A 397 -0.92 -1.02 -6.99
C LEU A 397 -0.38 -0.16 -8.10
N ARG A 398 0.14 1.02 -7.74
CA ARG A 398 0.92 1.86 -8.65
C ARG A 398 2.38 1.85 -8.20
N GLY A 399 3.27 1.73 -9.16
CA GLY A 399 4.70 1.73 -8.85
C GLY A 399 5.49 1.45 -10.11
N LEU A 400 6.80 1.71 -10.00
CA LEU A 400 7.69 1.51 -11.13
C LEU A 400 8.30 0.12 -11.12
N GLU A 401 8.60 -0.38 -12.30
CA GLU A 401 9.27 -1.66 -12.45
C GLU A 401 10.79 -1.51 -12.48
N SER A 402 11.28 -0.44 -13.11
CA SER A 402 12.71 -0.19 -13.21
C SER A 402 12.95 1.30 -13.22
N LEU A 403 13.96 1.74 -12.48
CA LEU A 403 14.27 3.16 -12.32
C LEU A 403 15.78 3.35 -12.34
N PRO A 404 16.39 3.33 -13.54
CA PRO A 404 17.85 3.48 -13.64
C PRO A 404 18.27 4.89 -13.25
N VAL A 405 19.08 5.00 -12.21
CA VAL A 405 19.55 6.31 -11.75
C VAL A 405 21.04 6.24 -11.49
N LYS A 406 21.65 7.42 -11.51
CA LYS A 406 23.03 7.59 -11.07
C LYS A 406 22.99 8.35 -9.75
N LEU A 407 23.64 7.80 -8.74
CA LEU A 407 23.73 8.43 -7.42
C LEU A 407 25.07 9.13 -7.27
N THR A 408 25.04 10.45 -7.01
CA THR A 408 26.27 11.18 -6.70
C THR A 408 26.44 11.25 -5.18
N PRO A 409 27.60 10.87 -4.65
CA PRO A 409 27.81 10.97 -3.20
C PRO A 409 27.91 12.41 -2.76
N ALA A 410 27.48 12.66 -1.53
CA ALA A 410 27.59 13.99 -0.93
C ALA A 410 29.03 14.27 -0.56
#